data_7YCU
#
_entry.id   7YCU
#
_cell.length_a   44.782
_cell.length_b   83.085
_cell.length_c   56.489
_cell.angle_alpha   90.000
_cell.angle_beta   91.660
_cell.angle_gamma   90.000
#
_symmetry.space_group_name_H-M   'P 1 21 1'
#
loop_
_entity.id
_entity.type
_entity.pdbx_description
1 polymer Toxin
2 polymer 'Antitoxin ParD'
3 water water
#
loop_
_entity_poly.entity_id
_entity_poly.type
_entity_poly.pdbx_seq_one_letter_code
_entity_poly.pdbx_strand_id
1 'polypeptide(L)'
;MVVANTLVLKPRAEQDLERIFEYSYTEFGWQQAQQYISDLDQTFQTLAASTDLAINYDHVRPGLKAFPVGAHIVFFRATD
TGIEVIRVLHQSMDYPRHV
;
A,C
2 'polypeptide(L)'
;MGSSHHHHHHSSGLVPRGSHMSSRTMTVDTGEELRAFVEGLVESGDYKTNSEVIRDGLRLLQEKTAGSKLAALRQLIDEG
EQSGEAVPWDRDSFLARMRQKGPRGG
;
B,D
#
# COMPACT_ATOMS: atom_id res chain seq x y z
N ALA A 4 22.60 16.47 -14.56
CA ALA A 4 21.64 15.33 -14.45
C ALA A 4 22.19 14.30 -13.46
N ASN A 5 21.42 14.07 -12.40
CA ASN A 5 21.76 13.08 -11.38
C ASN A 5 21.81 11.70 -12.02
N THR A 6 22.69 10.83 -11.51
CA THR A 6 22.84 9.52 -12.14
C THR A 6 21.85 8.54 -11.52
N LEU A 7 21.50 7.54 -12.34
CA LEU A 7 20.56 6.53 -11.92
C LEU A 7 21.00 5.22 -12.57
N VAL A 8 21.45 4.29 -11.74
CA VAL A 8 21.89 3.00 -12.24
C VAL A 8 21.12 1.93 -11.47
N LEU A 9 20.97 0.76 -12.09
CA LEU A 9 20.23 -0.36 -11.51
C LEU A 9 21.12 -1.59 -11.52
N LYS A 10 21.10 -2.35 -10.42
CA LYS A 10 21.69 -3.68 -10.43
C LYS A 10 20.94 -4.54 -11.43
N PRO A 11 21.59 -5.53 -12.07
CA PRO A 11 20.89 -6.42 -12.97
C PRO A 11 19.65 -7.08 -12.37
N ARG A 12 19.71 -7.44 -11.08
CA ARG A 12 18.53 -8.11 -10.52
C ARG A 12 17.37 -7.11 -10.37
N ALA A 13 17.66 -5.81 -10.17
CA ALA A 13 16.59 -4.81 -10.05
C ALA A 13 15.92 -4.65 -11.40
N GLU A 14 16.71 -4.71 -12.45
CA GLU A 14 16.10 -4.61 -13.79
C GLU A 14 15.23 -5.84 -14.05
N GLN A 15 15.63 -7.00 -13.50
CA GLN A 15 14.85 -8.22 -13.71
C GLN A 15 13.58 -8.13 -12.86
N ASP A 16 13.68 -7.52 -11.66
CA ASP A 16 12.47 -7.24 -10.87
C ASP A 16 11.50 -6.40 -11.71
N LEU A 17 12.01 -5.35 -12.35
CA LEU A 17 11.12 -4.52 -13.14
C LEU A 17 10.45 -5.33 -14.24
N GLU A 18 11.20 -6.23 -14.88
CA GLU A 18 10.60 -7.07 -15.94
C GLU A 18 9.46 -7.89 -15.35
N ARG A 19 9.69 -8.50 -14.19
CA ARG A 19 8.66 -9.36 -13.57
C ARG A 19 7.46 -8.49 -13.18
N ILE A 20 7.72 -7.28 -12.69
CA ILE A 20 6.61 -6.43 -12.27
C ILE A 20 5.81 -6.06 -13.52
N PHE A 21 6.53 -5.74 -14.59
CA PHE A 21 5.90 -5.38 -15.85
C PHE A 21 5.02 -6.55 -16.32
N GLU A 22 5.59 -7.76 -16.32
CA GLU A 22 4.88 -8.92 -16.87
C GLU A 22 3.66 -9.22 -16.02
N TYR A 23 3.79 -9.05 -14.69
CA TYR A 23 2.69 -9.37 -13.79
C TYR A 23 1.52 -8.45 -14.08
N SER A 24 1.83 -7.16 -14.28
CA SER A 24 0.83 -6.13 -14.50
C SER A 24 0.22 -6.32 -15.89
N TYR A 25 1.09 -6.65 -16.84
CA TYR A 25 0.65 -6.86 -18.21
C TYR A 25 -0.37 -8.00 -18.28
N THR A 26 -0.08 -9.11 -17.60
CA THR A 26 -0.92 -10.30 -17.65
C THR A 26 -2.33 -9.99 -17.16
N GLU A 27 -2.40 -9.21 -16.07
CA GLU A 27 -3.62 -8.86 -15.35
C GLU A 27 -4.37 -7.76 -16.11
N PHE A 28 -3.64 -6.74 -16.59
CA PHE A 28 -4.26 -5.45 -16.88
C PHE A 28 -3.97 -4.94 -18.30
N GLY A 29 -2.99 -5.54 -18.98
CA GLY A 29 -2.68 -5.11 -20.34
C GLY A 29 -1.53 -4.12 -20.42
N TRP A 30 -1.18 -3.80 -21.67
CA TRP A 30 -0.01 -3.01 -21.98
C TRP A 30 -0.05 -1.63 -21.31
N GLN A 31 -1.16 -0.92 -21.49
CA GLN A 31 -1.23 0.47 -21.07
C GLN A 31 -0.98 0.58 -19.57
N GLN A 32 -1.56 -0.32 -18.78
CA GLN A 32 -1.39 -0.22 -17.34
C GLN A 32 0.03 -0.58 -16.94
N ALA A 33 0.59 -1.61 -17.59
CA ALA A 33 1.94 -2.04 -17.26
C ALA A 33 2.96 -0.94 -17.59
N GLN A 34 2.80 -0.31 -18.74
CA GLN A 34 3.70 0.78 -19.12
C GLN A 34 3.55 1.97 -18.18
N GLN A 35 2.32 2.28 -17.76
CA GLN A 35 2.07 3.37 -16.82
C GLN A 35 2.80 3.08 -15.51
N TYR A 36 2.72 1.81 -15.07
CA TYR A 36 3.31 1.47 -13.79
C TYR A 36 4.81 1.67 -13.82
N ILE A 37 5.46 1.21 -14.90
CA ILE A 37 6.89 1.41 -15.08
C ILE A 37 7.21 2.91 -15.16
N SER A 38 6.36 3.69 -15.84
CA SER A 38 6.51 5.15 -15.89
C SER A 38 6.50 5.76 -14.50
N ASP A 39 5.59 5.30 -13.62
CA ASP A 39 5.52 5.80 -12.26
C ASP A 39 6.82 5.44 -11.52
N LEU A 40 7.32 4.22 -11.73
CA LEU A 40 8.55 3.80 -11.09
C LEU A 40 9.69 4.67 -11.58
N ASP A 41 9.73 4.90 -12.89
CA ASP A 41 10.74 5.74 -13.51
C ASP A 41 10.71 7.17 -12.96
N GLN A 42 9.51 7.76 -12.81
CA GLN A 42 9.37 9.09 -12.28
C GLN A 42 9.90 9.17 -10.85
N THR A 43 9.61 8.14 -10.05
CA THR A 43 10.10 8.04 -8.68
C THR A 43 11.60 7.91 -8.66
N PHE A 44 12.18 7.04 -9.50
CA PHE A 44 13.63 6.94 -9.58
C PHE A 44 14.24 8.32 -9.82
N GLN A 45 13.68 9.11 -10.74
CA GLN A 45 14.24 10.41 -11.05
C GLN A 45 14.17 11.35 -9.83
N THR A 46 13.04 11.33 -9.11
CA THR A 46 12.87 12.15 -7.92
C THR A 46 13.90 11.75 -6.85
N LEU A 47 14.11 10.44 -6.66
CA LEU A 47 15.05 10.00 -5.64
C LEU A 47 16.48 10.38 -6.02
N ALA A 48 16.79 10.38 -7.33
CA ALA A 48 18.14 10.70 -7.76
C ALA A 48 18.44 12.18 -7.49
N ALA A 49 17.39 12.99 -7.35
CA ALA A 49 17.51 14.43 -7.22
C ALA A 49 17.51 14.89 -5.76
N SER A 50 16.86 14.13 -4.87
CA SER A 50 16.59 14.67 -3.54
C SER A 50 16.98 13.64 -2.51
N THR A 51 18.12 13.85 -1.85
CA THR A 51 18.57 12.90 -0.84
C THR A 51 17.59 12.79 0.33
N ASP A 52 16.86 13.88 0.63
CA ASP A 52 16.03 13.89 1.83
C ASP A 52 14.83 12.95 1.71
N LEU A 53 14.44 12.53 0.51
CA LEU A 53 13.27 11.65 0.42
C LEU A 53 13.53 10.23 0.93
N ALA A 54 14.79 9.77 0.83
CA ALA A 54 15.13 8.39 1.08
C ALA A 54 14.85 7.98 2.52
N ILE A 55 14.20 6.84 2.70
CA ILE A 55 13.98 6.31 4.05
C ILE A 55 15.19 5.49 4.47
N ASN A 56 15.69 5.76 5.67
CA ASN A 56 16.85 5.04 6.18
C ASN A 56 16.49 3.60 6.55
N TYR A 57 17.15 2.65 5.88
CA TYR A 57 16.92 1.21 6.04
C TYR A 57 18.19 0.53 6.53
N ASP A 58 18.95 1.24 7.38
CA ASP A 58 20.16 0.67 7.99
C ASP A 58 19.83 -0.62 8.75
N HIS A 59 18.61 -0.71 9.31
CA HIS A 59 18.21 -1.87 10.10
C HIS A 59 18.14 -3.14 9.25
N VAL A 60 18.14 -2.98 7.93
CA VAL A 60 18.26 -4.10 7.02
C VAL A 60 19.73 -4.28 6.63
N ARG A 61 20.31 -3.27 5.96
CA ARG A 61 21.75 -3.24 5.68
C ARG A 61 22.20 -1.78 5.82
N PRO A 62 23.38 -1.52 6.45
CA PRO A 62 23.91 -0.15 6.56
C PRO A 62 23.95 0.54 5.21
N GLY A 63 23.38 1.73 5.18
CA GLY A 63 23.35 2.60 4.02
C GLY A 63 22.22 2.29 3.04
N LEU A 64 21.45 1.24 3.29
CA LEU A 64 20.33 0.93 2.39
C LEU A 64 19.21 1.95 2.64
N LYS A 65 18.53 2.32 1.55
CA LYS A 65 17.42 3.27 1.58
C LYS A 65 16.22 2.61 0.91
N ALA A 66 15.03 3.07 1.30
CA ALA A 66 13.81 2.56 0.69
C ALA A 66 12.91 3.74 0.35
N PHE A 67 12.03 3.55 -0.64
CA PHE A 67 11.00 4.53 -0.91
C PHE A 67 9.82 3.84 -1.58
N PRO A 68 8.56 4.13 -1.19
CA PRO A 68 7.42 3.47 -1.83
C PRO A 68 7.02 4.07 -3.16
N VAL A 69 6.54 3.21 -4.05
CA VAL A 69 5.83 3.67 -5.24
C VAL A 69 4.77 2.63 -5.54
N GLY A 70 3.49 3.06 -5.50
CA GLY A 70 2.42 2.10 -5.73
C GLY A 70 2.47 1.03 -4.66
N ALA A 71 2.43 -0.25 -5.09
CA ALA A 71 2.42 -1.35 -4.15
C ALA A 71 3.84 -1.91 -3.98
N HIS A 72 4.83 -1.16 -4.46
CA HIS A 72 6.21 -1.63 -4.48
C HIS A 72 7.11 -0.70 -3.67
N ILE A 73 8.32 -1.18 -3.39
CA ILE A 73 9.34 -0.43 -2.68
C ILE A 73 10.63 -0.47 -3.49
N VAL A 74 11.20 0.72 -3.72
CA VAL A 74 12.53 0.80 -4.33
C VAL A 74 13.52 0.72 -3.18
N PHE A 75 14.45 -0.25 -3.25
CA PHE A 75 15.56 -0.35 -2.33
C PHE A 75 16.82 0.07 -3.08
N PHE A 76 17.54 1.03 -2.50
CA PHE A 76 18.63 1.65 -3.25
C PHE A 76 19.70 2.15 -2.29
N ARG A 77 20.82 2.60 -2.89
CA ARG A 77 21.86 3.26 -2.11
C ARG A 77 22.10 4.61 -2.77
N ALA A 78 22.52 5.57 -1.95
CA ALA A 78 22.98 6.86 -2.46
C ALA A 78 24.39 6.68 -3.03
N THR A 79 24.65 7.35 -4.16
CA THR A 79 26.00 7.46 -4.70
C THR A 79 26.39 8.93 -4.67
N ASP A 80 27.62 9.24 -5.11
CA ASP A 80 28.08 10.62 -5.21
C ASP A 80 27.19 11.48 -6.10
N THR A 81 26.63 10.88 -7.16
CA THR A 81 25.96 11.69 -8.18
C THR A 81 24.49 11.34 -8.33
N GLY A 82 23.99 10.40 -7.53
CA GLY A 82 22.59 10.00 -7.69
C GLY A 82 22.28 8.78 -6.82
N ILE A 83 21.66 7.76 -7.43
CA ILE A 83 21.29 6.57 -6.67
C ILE A 83 21.67 5.33 -7.49
N GLU A 84 21.72 4.20 -6.77
CA GLU A 84 21.92 2.89 -7.37
C GLU A 84 20.82 1.99 -6.82
N VAL A 85 19.93 1.53 -7.69
CA VAL A 85 18.78 0.74 -7.26
C VAL A 85 19.21 -0.72 -7.17
N ILE A 86 18.91 -1.34 -6.03
CA ILE A 86 19.41 -2.68 -5.73
C ILE A 86 18.31 -3.70 -6.01
N ARG A 87 17.07 -3.43 -5.56
CA ARG A 87 15.95 -4.31 -5.85
C ARG A 87 14.69 -3.45 -5.89
N VAL A 88 13.67 -3.92 -6.61
CA VAL A 88 12.34 -3.31 -6.49
C VAL A 88 11.41 -4.45 -6.09
N LEU A 89 10.86 -4.36 -4.88
CA LEU A 89 10.14 -5.51 -4.34
C LEU A 89 8.73 -5.09 -3.99
N HIS A 90 7.82 -6.07 -4.02
CA HIS A 90 6.46 -5.80 -3.59
C HIS A 90 6.44 -5.45 -2.10
N GLN A 91 5.49 -4.61 -1.68
CA GLN A 91 5.54 -4.12 -0.30
C GLN A 91 5.30 -5.26 0.69
N SER A 92 4.75 -6.38 0.23
CA SER A 92 4.55 -7.54 1.11
C SER A 92 5.90 -8.11 1.60
N MET A 93 7.01 -7.76 0.96
CA MET A 93 8.33 -8.23 1.35
C MET A 93 8.98 -7.29 2.36
N ASP A 94 8.32 -6.19 2.72
CA ASP A 94 8.97 -5.15 3.53
C ASP A 94 9.23 -5.64 4.95
N TYR A 95 10.22 -5.05 5.61
CA TYR A 95 10.44 -5.20 7.05
C TYR A 95 10.72 -3.81 7.60
N PRO A 96 9.67 -3.05 8.00
CA PRO A 96 9.87 -1.68 8.51
C PRO A 96 10.69 -1.67 9.81
N ARG A 97 11.26 -0.52 10.17
CA ARG A 97 12.11 -0.49 11.37
C ARG A 97 11.28 -0.79 12.62
N HIS A 98 11.78 -1.66 13.50
CA HIS A 98 11.08 -2.09 14.71
C HIS A 98 10.43 -0.91 15.45
N VAL B 15 7.92 11.35 -19.36
CA VAL B 15 6.87 10.27 -19.19
C VAL B 15 6.65 9.61 -20.55
N PRO B 16 6.60 8.25 -20.64
CA PRO B 16 6.36 7.56 -21.90
C PRO B 16 4.98 7.92 -22.48
N ARG B 17 4.87 7.91 -23.81
CA ARG B 17 3.59 8.33 -24.46
C ARG B 17 2.48 7.36 -24.08
N GLY B 18 1.26 7.88 -23.86
CA GLY B 18 0.14 7.05 -23.41
C GLY B 18 0.14 6.88 -21.90
N SER B 19 1.08 7.55 -21.22
CA SER B 19 1.12 7.52 -19.73
C SER B 19 0.99 8.96 -19.20
N HIS B 20 0.75 9.11 -17.89
CA HIS B 20 0.54 10.42 -17.28
C HIS B 20 1.44 10.59 -16.06
N MET B 21 1.78 11.85 -15.74
CA MET B 21 2.48 12.20 -14.51
C MET B 21 1.64 11.75 -13.30
N SER B 22 2.30 11.23 -12.26
CA SER B 22 1.59 10.81 -11.06
C SER B 22 2.18 11.47 -9.81
N SER B 23 2.92 12.58 -10.02
CA SER B 23 3.33 13.54 -9.01
C SER B 23 2.08 14.07 -8.30
N ARG B 24 2.17 14.28 -6.97
CA ARG B 24 0.97 14.56 -6.19
C ARG B 24 1.29 15.59 -5.11
N THR B 25 0.77 16.80 -5.30
CA THR B 25 1.12 17.90 -4.39
C THR B 25 -0.04 18.16 -3.44
N MET B 26 0.22 18.98 -2.42
CA MET B 26 -0.89 19.46 -1.61
C MET B 26 -0.69 20.96 -1.38
N THR B 27 -1.81 21.68 -1.34
CA THR B 27 -1.80 23.11 -1.16
C THR B 27 -2.23 23.38 0.28
N VAL B 28 -1.35 24.03 1.04
CA VAL B 28 -1.53 24.15 2.47
C VAL B 28 -1.44 25.61 2.88
N ASP B 29 -2.16 25.92 3.96
CA ASP B 29 -2.12 27.22 4.61
C ASP B 29 -1.34 27.07 5.91
N THR B 30 -0.13 27.64 5.96
CA THR B 30 0.71 27.44 7.11
C THR B 30 0.41 28.50 8.17
N GLY B 31 -0.38 29.52 7.78
CA GLY B 31 -0.51 30.73 8.59
C GLY B 31 0.74 31.61 8.47
N GLU B 32 0.60 32.90 8.78
CA GLU B 32 1.68 33.84 8.47
C GLU B 32 2.98 33.56 9.21
N GLU B 33 2.91 33.19 10.49
CA GLU B 33 4.12 33.03 11.28
C GLU B 33 4.99 31.90 10.69
N LEU B 34 4.37 30.73 10.44
CA LEU B 34 5.15 29.61 9.92
C LEU B 34 5.49 29.79 8.44
N ARG B 35 4.68 30.53 7.70
CA ARG B 35 5.01 30.83 6.31
C ARG B 35 6.33 31.61 6.23
N ALA B 36 6.46 32.61 7.11
CA ALA B 36 7.64 33.47 7.07
C ALA B 36 8.86 32.65 7.48
N PHE B 37 8.67 31.74 8.46
CA PHE B 37 9.67 30.79 8.91
C PHE B 37 10.18 29.95 7.74
N VAL B 38 9.24 29.43 6.91
CA VAL B 38 9.66 28.63 5.76
C VAL B 38 10.41 29.50 4.75
N GLU B 39 9.86 30.69 4.48
CA GLU B 39 10.48 31.57 3.49
C GLU B 39 11.94 31.86 3.86
N GLY B 40 12.18 32.17 5.15
CA GLY B 40 13.52 32.54 5.55
C GLY B 40 14.49 31.38 5.32
N LEU B 41 14.05 30.16 5.63
CA LEU B 41 14.89 28.97 5.45
C LEU B 41 15.21 28.73 3.98
N VAL B 42 14.27 29.01 3.08
CA VAL B 42 14.58 28.81 1.67
C VAL B 42 15.51 29.92 1.16
N GLU B 43 15.22 31.15 1.55
CA GLU B 43 16.02 32.27 1.04
C GLU B 43 17.45 32.24 1.56
N SER B 44 17.67 31.69 2.76
CA SER B 44 19.01 31.60 3.30
C SER B 44 19.87 30.57 2.54
N GLY B 45 19.22 29.73 1.71
CA GLY B 45 19.89 28.64 1.03
C GLY B 45 20.03 27.38 1.90
N ASP B 46 19.47 27.41 3.12
CA ASP B 46 19.57 26.26 4.02
C ASP B 46 18.75 25.08 3.45
N TYR B 47 17.63 25.40 2.79
CA TYR B 47 16.79 24.43 2.12
C TYR B 47 16.54 24.92 0.70
N LYS B 48 16.41 24.04 -0.27
CA LYS B 48 16.25 24.48 -1.68
C LYS B 48 14.82 24.94 -1.99
N THR B 49 13.79 24.34 -1.36
CA THR B 49 12.43 24.68 -1.71
C THR B 49 11.55 24.67 -0.46
N ASN B 50 10.36 25.29 -0.58
CA ASN B 50 9.35 25.16 0.47
C ASN B 50 9.10 23.69 0.78
N SER B 51 9.04 22.85 -0.26
CA SER B 51 8.73 21.43 -0.04
C SER B 51 9.75 20.77 0.86
N GLU B 52 11.05 21.07 0.67
CA GLU B 52 12.06 20.45 1.51
C GLU B 52 11.89 20.83 2.99
N VAL B 53 11.50 22.09 3.24
CA VAL B 53 11.28 22.51 4.61
C VAL B 53 10.10 21.73 5.20
N ILE B 54 9.00 21.68 4.47
CA ILE B 54 7.80 21.00 4.95
C ILE B 54 8.12 19.53 5.21
N ARG B 55 8.90 18.90 4.33
CA ARG B 55 9.21 17.49 4.55
C ARG B 55 10.04 17.31 5.83
N ASP B 56 10.97 18.23 6.13
CA ASP B 56 11.75 18.09 7.36
C ASP B 56 10.80 18.14 8.56
N GLY B 57 9.85 19.08 8.52
CA GLY B 57 8.85 19.16 9.58
C GLY B 57 8.06 17.85 9.73
N LEU B 58 7.62 17.30 8.60
CA LEU B 58 6.78 16.11 8.69
C LEU B 58 7.61 14.94 9.20
N ARG B 59 8.90 14.86 8.82
CA ARG B 59 9.75 13.80 9.36
C ARG B 59 9.85 13.89 10.88
N LEU B 60 9.91 15.12 11.42
CA LEU B 60 10.00 15.25 12.87
C LEU B 60 8.68 14.81 13.51
N LEU B 61 7.56 15.16 12.87
CA LEU B 61 6.25 14.76 13.38
C LEU B 61 6.10 13.24 13.34
N GLN B 62 6.56 12.60 12.26
CA GLN B 62 6.49 11.15 12.12
C GLN B 62 7.39 10.50 13.19
N GLU B 63 8.57 11.09 13.42
CA GLU B 63 9.52 10.60 14.42
C GLU B 63 8.92 10.67 15.82
N LYS B 64 8.22 11.76 16.09
CA LYS B 64 7.67 11.98 17.46
C LYS B 64 6.71 10.86 17.83
N THR B 65 6.01 10.30 16.84
CA THR B 65 4.98 9.33 17.19
C THR B 65 5.34 7.91 16.75
N ALA B 66 6.53 7.72 16.19
CA ALA B 66 6.92 6.44 15.59
C ALA B 66 6.96 5.33 16.64
N GLY B 67 7.28 5.70 17.89
CA GLY B 67 7.47 4.71 18.94
C GLY B 67 6.17 4.36 19.64
N SER B 68 5.07 5.00 19.26
CA SER B 68 3.83 4.73 19.99
C SER B 68 2.69 4.34 19.05
N LYS B 69 3.01 3.62 17.98
CA LYS B 69 1.99 3.27 17.00
C LYS B 69 0.96 2.30 17.58
N LEU B 70 1.39 1.40 18.47
CA LEU B 70 0.48 0.42 19.06
C LEU B 70 -0.50 1.15 19.97
N ALA B 71 0.02 2.04 20.84
CA ALA B 71 -0.88 2.80 21.71
C ALA B 71 -1.85 3.63 20.88
N ALA B 72 -1.32 4.25 19.81
CA ALA B 72 -2.15 5.13 18.99
C ALA B 72 -3.29 4.33 18.35
N LEU B 73 -2.99 3.15 17.85
CA LEU B 73 -4.01 2.35 17.16
C LEU B 73 -5.03 1.86 18.19
N ARG B 74 -4.53 1.41 19.36
CA ARG B 74 -5.47 1.02 20.39
C ARG B 74 -6.42 2.17 20.71
N GLN B 75 -5.90 3.40 20.78
CA GLN B 75 -6.74 4.52 21.11
C GLN B 75 -7.80 4.76 20.03
N LEU B 76 -7.41 4.67 18.75
CA LEU B 76 -8.38 4.82 17.68
C LEU B 76 -9.45 3.73 17.71
N ILE B 77 -9.04 2.49 17.97
CA ILE B 77 -9.99 1.38 18.07
C ILE B 77 -10.96 1.61 19.23
N ASP B 78 -10.43 1.96 20.41
CA ASP B 78 -11.25 2.23 21.57
C ASP B 78 -12.26 3.36 21.31
N GLU B 79 -11.80 4.42 20.63
CA GLU B 79 -12.67 5.53 20.29
C GLU B 79 -13.79 5.08 19.34
N GLY B 80 -13.47 4.16 18.42
CA GLY B 80 -14.51 3.53 17.62
C GLY B 80 -15.49 2.73 18.51
N GLU B 81 -14.94 1.91 19.41
CA GLU B 81 -15.81 1.05 20.24
C GLU B 81 -16.75 1.93 21.07
N GLN B 82 -16.24 3.08 21.52
CA GLN B 82 -16.97 3.94 22.45
C GLN B 82 -17.88 4.93 21.71
N SER B 83 -17.97 4.85 20.37
CA SER B 83 -18.62 5.89 19.60
C SER B 83 -20.14 5.72 19.51
N GLY B 84 -20.65 4.62 20.06
CA GLY B 84 -22.08 4.36 20.02
C GLY B 84 -22.37 2.96 19.50
N GLU B 85 -23.63 2.52 19.59
CA GLU B 85 -23.95 1.21 19.08
C GLU B 85 -23.83 1.16 17.55
N ALA B 86 -23.37 0.01 17.04
CA ALA B 86 -23.27 -0.18 15.60
C ALA B 86 -24.64 -0.22 14.94
N VAL B 87 -24.69 0.27 13.70
CA VAL B 87 -25.92 0.35 12.94
C VAL B 87 -25.71 -0.23 11.55
N PRO B 88 -26.77 -0.65 10.83
CA PRO B 88 -26.62 -1.12 9.45
C PRO B 88 -25.92 -0.13 8.53
N TRP B 89 -25.20 -0.68 7.56
CA TRP B 89 -24.49 0.06 6.53
C TRP B 89 -25.27 -0.06 5.22
N ASP B 90 -25.48 1.03 4.51
CA ASP B 90 -26.02 0.97 3.15
C ASP B 90 -25.22 1.89 2.23
N ARG B 91 -24.58 1.31 1.22
CA ARG B 91 -23.69 2.06 0.34
C ARG B 91 -24.47 3.16 -0.37
N ASP B 92 -25.65 2.81 -0.92
CA ASP B 92 -26.35 3.80 -1.73
C ASP B 92 -26.83 4.98 -0.88
N SER B 93 -27.30 4.72 0.34
CA SER B 93 -27.68 5.79 1.26
C SER B 93 -26.49 6.69 1.60
N PHE B 94 -25.34 6.07 1.90
CA PHE B 94 -24.14 6.86 2.18
C PHE B 94 -23.84 7.80 1.02
N LEU B 95 -23.85 7.27 -0.21
CA LEU B 95 -23.44 8.08 -1.36
C LEU B 95 -24.48 9.16 -1.65
N ALA B 96 -25.77 8.85 -1.42
CA ALA B 96 -26.80 9.88 -1.48
C ALA B 96 -26.50 10.99 -0.47
N ARG B 97 -26.12 10.62 0.75
CA ARG B 97 -25.82 11.59 1.78
C ARG B 97 -24.63 12.45 1.35
N MET B 98 -23.62 11.83 0.73
CA MET B 98 -22.48 12.58 0.25
C MET B 98 -22.87 13.58 -0.85
N ARG B 99 -23.79 13.19 -1.74
CA ARG B 99 -24.24 14.08 -2.81
C ARG B 99 -25.02 15.27 -2.24
N GLN B 100 -25.72 15.03 -1.14
CA GLN B 100 -26.58 16.03 -0.53
C GLN B 100 -25.77 17.14 0.14
N LYS B 101 -24.48 16.90 0.41
CA LYS B 101 -23.69 17.87 1.15
C LYS B 101 -23.35 19.07 0.27
N GLY B 102 -23.39 18.89 -1.04
CA GLY B 102 -23.13 19.99 -1.95
C GLY B 102 -22.93 19.47 -3.37
N PRO B 103 -22.77 20.36 -4.37
CA PRO B 103 -22.58 19.92 -5.76
C PRO B 103 -21.32 19.06 -5.86
N ARG B 104 -21.42 17.96 -6.63
CA ARG B 104 -20.30 17.02 -6.81
C ARG B 104 -20.00 16.83 -8.29
N GLY B 105 -18.71 16.80 -8.65
CA GLY B 105 -18.35 16.64 -10.05
C GLY B 105 -17.08 15.81 -10.26
N GLY B 106 -16.83 15.46 -11.52
CA GLY B 106 -15.80 14.51 -11.89
C GLY B 106 -16.20 13.08 -11.48
N ALA C 4 -28.81 -13.76 5.00
CA ALA C 4 -27.76 -12.75 4.73
C ALA C 4 -26.90 -12.53 5.97
N ASN C 5 -25.58 -12.58 5.81
CA ASN C 5 -24.65 -12.32 6.95
C ASN C 5 -24.79 -10.86 7.38
N THR C 6 -24.76 -10.60 8.69
CA THR C 6 -24.94 -9.22 9.22
C THR C 6 -23.74 -8.32 8.93
N LEU C 7 -24.01 -7.03 8.70
CA LEU C 7 -22.92 -6.04 8.52
C LEU C 7 -23.37 -4.76 9.23
N VAL C 8 -22.72 -4.41 10.33
CA VAL C 8 -23.06 -3.17 11.03
C VAL C 8 -21.76 -2.40 11.22
N LEU C 9 -21.87 -1.08 11.37
CA LEU C 9 -20.72 -0.17 11.50
C LEU C 9 -20.93 0.67 12.74
N LYS C 10 -19.85 0.84 13.53
CA LYS C 10 -19.85 1.82 14.59
C LYS C 10 -19.99 3.21 13.96
N PRO C 11 -20.63 4.17 14.66
CA PRO C 11 -20.73 5.53 14.16
C PRO C 11 -19.39 6.13 13.76
N ARG C 12 -18.33 5.82 14.51
CA ARG C 12 -17.05 6.42 14.19
C ARG C 12 -16.50 5.85 12.86
N ALA C 13 -16.86 4.59 12.54
CA ALA C 13 -16.41 3.98 11.28
C ALA C 13 -17.11 4.65 10.11
N GLU C 14 -18.38 5.01 10.29
CA GLU C 14 -19.11 5.75 9.24
C GLU C 14 -18.43 7.11 9.05
N GLN C 15 -18.01 7.73 10.15
CA GLN C 15 -17.40 9.07 10.04
C GLN C 15 -16.03 8.92 9.35
N ASP C 16 -15.35 7.80 9.62
CA ASP C 16 -14.10 7.52 8.89
C ASP C 16 -14.40 7.47 7.39
N LEU C 17 -15.43 6.74 7.02
CA LEU C 17 -15.74 6.64 5.59
C LEU C 17 -16.05 8.00 5.00
N GLU C 18 -16.76 8.87 5.74
CA GLU C 18 -17.01 10.19 5.21
C GLU C 18 -15.70 10.93 4.97
N ARG C 19 -14.78 10.84 5.95
CA ARG C 19 -13.51 11.55 5.78
C ARG C 19 -12.69 10.98 4.63
N ILE C 20 -12.76 9.64 4.46
CA ILE C 20 -12.03 8.99 3.37
C ILE C 20 -12.64 9.42 2.03
N PHE C 21 -13.98 9.47 2.00
CA PHE C 21 -14.66 9.88 0.78
C PHE C 21 -14.23 11.32 0.45
N GLU C 22 -14.25 12.22 1.44
CA GLU C 22 -14.02 13.63 1.17
C GLU C 22 -12.57 13.83 0.70
N TYR C 23 -11.67 13.06 1.31
CA TYR C 23 -10.24 13.18 0.98
C TYR C 23 -10.03 12.78 -0.48
N SER C 24 -10.68 11.69 -0.89
CA SER C 24 -10.57 11.15 -2.23
C SER C 24 -11.25 12.13 -3.21
N TYR C 25 -12.39 12.67 -2.80
CA TYR C 25 -13.13 13.57 -3.65
C TYR C 25 -12.33 14.84 -3.97
N THR C 26 -11.66 15.40 -2.95
CA THR C 26 -10.89 16.62 -3.14
C THR C 26 -9.80 16.41 -4.20
N GLU C 27 -9.15 15.24 -4.11
CA GLU C 27 -8.01 14.84 -4.92
C GLU C 27 -8.46 14.43 -6.33
N PHE C 28 -9.55 13.66 -6.42
CA PHE C 28 -9.81 12.85 -7.60
C PHE C 28 -11.18 13.08 -8.23
N GLY C 29 -12.12 13.68 -7.48
CA GLY C 29 -13.45 13.95 -8.03
C GLY C 29 -14.45 12.83 -7.74
N TRP C 30 -15.71 13.04 -8.15
CA TRP C 30 -16.83 12.22 -7.74
C TRP C 30 -16.64 10.76 -8.13
N GLN C 31 -16.35 10.50 -9.40
CA GLN C 31 -16.41 9.13 -9.89
C GLN C 31 -15.41 8.25 -9.13
N GLN C 32 -14.20 8.78 -8.91
CA GLN C 32 -13.21 7.96 -8.21
C GLN C 32 -13.56 7.80 -6.73
N ALA C 33 -14.05 8.86 -6.10
CA ALA C 33 -14.33 8.78 -4.67
C ALA C 33 -15.49 7.82 -4.42
N GLN C 34 -16.53 7.89 -5.27
CA GLN C 34 -17.65 6.99 -5.06
C GLN C 34 -17.22 5.55 -5.32
N GLN C 35 -16.35 5.35 -6.32
CA GLN C 35 -15.88 4.01 -6.62
C GLN C 35 -15.10 3.45 -5.42
N TYR C 36 -14.30 4.31 -4.79
CA TYR C 36 -13.48 3.82 -3.68
C TYR C 36 -14.38 3.32 -2.55
N ILE C 37 -15.42 4.10 -2.21
CA ILE C 37 -16.41 3.68 -1.22
C ILE C 37 -17.10 2.37 -1.63
N SER C 38 -17.43 2.24 -2.92
CA SER C 38 -18.07 1.04 -3.41
C SER C 38 -17.15 -0.19 -3.26
N ASP C 39 -15.85 0.00 -3.47
CA ASP C 39 -14.88 -1.07 -3.29
C ASP C 39 -14.78 -1.45 -1.81
N LEU C 40 -14.82 -0.44 -0.92
CA LEU C 40 -14.84 -0.72 0.52
C LEU C 40 -16.12 -1.51 0.85
N ASP C 41 -17.25 -1.10 0.26
CA ASP C 41 -18.51 -1.79 0.47
C ASP C 41 -18.42 -3.26 0.04
N GLN C 42 -17.83 -3.51 -1.15
CA GLN C 42 -17.69 -4.87 -1.65
C GLN C 42 -16.85 -5.72 -0.69
N THR C 43 -15.77 -5.13 -0.15
CA THR C 43 -14.95 -5.78 0.87
C THR C 43 -15.74 -6.08 2.15
N PHE C 44 -16.51 -5.10 2.64
CA PHE C 44 -17.36 -5.33 3.80
C PHE C 44 -18.26 -6.56 3.58
N GLN C 45 -18.87 -6.65 2.39
CA GLN C 45 -19.80 -7.75 2.13
C GLN C 45 -19.05 -9.09 2.13
N THR C 46 -17.87 -9.13 1.52
CA THR C 46 -17.07 -10.34 1.49
C THR C 46 -16.67 -10.78 2.91
N LEU C 47 -16.27 -9.81 3.75
CA LEU C 47 -15.85 -10.17 5.09
C LEU C 47 -17.06 -10.66 5.91
N ALA C 48 -18.25 -10.12 5.63
CA ALA C 48 -19.42 -10.53 6.40
C ALA C 48 -19.76 -11.99 6.08
N ALA C 49 -19.35 -12.45 4.89
CA ALA C 49 -19.64 -13.81 4.39
C ALA C 49 -18.58 -14.85 4.76
N SER C 50 -17.31 -14.45 4.95
CA SER C 50 -16.26 -15.45 5.01
C SER C 50 -15.39 -15.19 6.22
N THR C 51 -15.54 -16.01 7.27
CA THR C 51 -14.76 -15.79 8.47
C THR C 51 -13.26 -16.00 8.25
N ASP C 52 -12.89 -16.86 7.28
CA ASP C 52 -11.48 -17.20 7.11
C ASP C 52 -10.64 -16.05 6.57
N LEU C 53 -11.26 -15.03 6.01
CA LEU C 53 -10.46 -13.93 5.45
C LEU C 53 -9.83 -13.05 6.53
N ALA C 54 -10.49 -12.95 7.70
CA ALA C 54 -10.13 -11.99 8.74
C ALA C 54 -8.72 -12.22 9.26
N ILE C 55 -7.94 -11.15 9.37
CA ILE C 55 -6.61 -11.25 9.95
C ILE C 55 -6.71 -11.03 11.45
N ASN C 56 -6.11 -11.94 12.22
CA ASN C 56 -6.22 -11.88 13.68
C ASN C 56 -5.36 -10.73 14.22
N TYR C 57 -6.02 -9.79 14.91
CA TYR C 57 -5.39 -8.59 15.45
C TYR C 57 -5.54 -8.56 16.96
N ASP C 58 -5.53 -9.74 17.57
CA ASP C 58 -5.52 -9.84 19.03
C ASP C 58 -4.39 -9.01 19.66
N HIS C 59 -3.23 -8.89 18.99
CA HIS C 59 -2.08 -8.18 19.55
C HIS C 59 -2.39 -6.70 19.75
N VAL C 60 -3.44 -6.21 19.10
CA VAL C 60 -3.93 -4.85 19.30
C VAL C 60 -5.02 -4.88 20.38
N ARG C 61 -6.13 -5.58 20.12
CA ARG C 61 -7.19 -5.80 21.10
C ARG C 61 -7.71 -7.22 20.91
N PRO C 62 -7.96 -7.98 22.00
CA PRO C 62 -8.58 -9.32 21.90
C PRO C 62 -9.81 -9.29 20.99
N GLY C 63 -9.85 -10.22 20.03
CA GLY C 63 -11.00 -10.35 19.16
C GLY C 63 -10.98 -9.41 17.95
N LEU C 64 -10.04 -8.46 17.91
CA LEU C 64 -10.04 -7.51 16.78
C LEU C 64 -9.55 -8.24 15.54
N LYS C 65 -10.12 -7.88 14.37
CA LYS C 65 -9.72 -8.42 13.09
C LYS C 65 -9.42 -7.25 12.16
N ALA C 66 -8.58 -7.54 11.14
CA ALA C 66 -8.25 -6.51 10.17
C ALA C 66 -8.35 -7.13 8.79
N PHE C 67 -8.53 -6.26 7.78
CA PHE C 67 -8.40 -6.72 6.40
C PHE C 67 -8.10 -5.51 5.51
N PRO C 68 -7.18 -5.62 4.53
CA PRO C 68 -6.87 -4.47 3.68
C PRO C 68 -7.84 -4.26 2.52
N VAL C 69 -8.05 -2.97 2.19
CA VAL C 69 -8.71 -2.65 0.93
C VAL C 69 -8.09 -1.34 0.45
N GLY C 70 -7.53 -1.37 -0.77
CA GLY C 70 -6.87 -0.15 -1.27
C GLY C 70 -5.75 0.26 -0.30
N ALA C 71 -5.75 1.52 0.14
CA ALA C 71 -4.71 2.06 1.02
C ALA C 71 -5.22 2.05 2.46
N HIS C 72 -6.34 1.36 2.71
CA HIS C 72 -7.01 1.40 3.99
C HIS C 72 -7.10 0.00 4.59
N ILE C 73 -7.44 -0.01 5.88
CA ILE C 73 -7.62 -1.25 6.63
C ILE C 73 -8.96 -1.17 7.35
N VAL C 74 -9.72 -2.23 7.21
CA VAL C 74 -11.00 -2.32 7.91
C VAL C 74 -10.68 -3.05 9.20
N PHE C 75 -11.03 -2.42 10.34
CA PHE C 75 -10.87 -3.06 11.64
C PHE C 75 -12.26 -3.42 12.15
N PHE C 76 -12.45 -4.68 12.52
CA PHE C 76 -13.79 -5.16 12.79
C PHE C 76 -13.75 -6.29 13.82
N ARG C 77 -14.95 -6.63 14.32
CA ARG C 77 -15.10 -7.78 15.18
C ARG C 77 -16.07 -8.72 14.49
N ALA C 78 -15.89 -10.02 14.76
CA ALA C 78 -16.84 -11.04 14.35
C ALA C 78 -18.00 -10.99 15.35
N THR C 79 -19.21 -11.10 14.83
CA THR C 79 -20.41 -11.28 15.64
C THR C 79 -20.97 -12.67 15.35
N ASP C 80 -22.07 -13.03 16.04
CA ASP C 80 -22.75 -14.30 15.78
C ASP C 80 -23.18 -14.46 14.34
N THR C 81 -23.53 -13.36 13.67
CA THR C 81 -24.19 -13.47 12.38
C THR C 81 -23.41 -12.77 11.27
N GLY C 82 -22.25 -12.19 11.59
CA GLY C 82 -21.51 -11.46 10.57
C GLY C 82 -20.36 -10.67 11.22
N ILE C 83 -20.26 -9.39 10.89
CA ILE C 83 -19.17 -8.56 11.39
C ILE C 83 -19.72 -7.21 11.84
N GLU C 84 -18.91 -6.55 12.66
CA GLU C 84 -19.18 -5.21 13.16
C GLU C 84 -17.91 -4.40 12.90
N VAL C 85 -18.00 -3.40 12.03
CA VAL C 85 -16.82 -2.61 11.67
C VAL C 85 -16.64 -1.52 12.70
N ILE C 86 -15.43 -1.44 13.28
CA ILE C 86 -15.15 -0.48 14.39
C ILE C 86 -14.50 0.78 13.83
N ARG C 87 -13.52 0.61 12.94
CA ARG C 87 -12.86 1.79 12.31
C ARG C 87 -12.35 1.41 10.93
N VAL C 88 -12.28 2.41 10.03
CA VAL C 88 -11.61 2.17 8.76
C VAL C 88 -10.49 3.21 8.72
N LEU C 89 -9.24 2.74 8.71
CA LEU C 89 -8.11 3.64 8.92
C LEU C 89 -7.14 3.49 7.76
N HIS C 90 -6.38 4.55 7.52
CA HIS C 90 -5.36 4.48 6.47
C HIS C 90 -4.27 3.51 6.91
N GLN C 91 -3.62 2.83 5.94
CA GLN C 91 -2.70 1.77 6.33
C GLN C 91 -1.49 2.34 7.07
N SER C 92 -1.25 3.64 6.95
CA SER C 92 -0.16 4.29 7.68
C SER C 92 -0.36 4.20 9.19
N MET C 93 -1.58 3.91 9.65
CA MET C 93 -1.86 3.86 11.09
C MET C 93 -1.69 2.43 11.61
N ASP C 94 -1.35 1.48 10.73
CA ASP C 94 -1.32 0.07 11.11
C ASP C 94 -0.20 -0.20 12.13
N TYR C 95 -0.42 -1.25 12.94
CA TYR C 95 0.61 -1.85 13.78
C TYR C 95 0.54 -3.36 13.56
N PRO C 96 1.25 -3.88 12.54
CA PRO C 96 1.14 -5.29 12.18
C PRO C 96 1.71 -6.19 13.27
N ARG C 97 1.34 -7.47 13.24
CA ARG C 97 1.84 -8.38 14.26
C ARG C 97 3.35 -8.56 14.05
N HIS C 98 4.14 -8.53 15.13
CA HIS C 98 5.56 -8.85 15.02
C HIS C 98 5.76 -10.33 15.32
N ARG D 24 -10.69 -9.55 -7.67
CA ARG D 24 -9.46 -9.94 -8.41
C ARG D 24 -9.15 -11.41 -8.11
N THR D 25 -9.40 -12.25 -9.10
CA THR D 25 -9.17 -13.68 -8.95
C THR D 25 -7.87 -14.04 -9.65
N MET D 26 -7.43 -15.29 -9.48
CA MET D 26 -6.35 -15.78 -10.31
C MET D 26 -6.71 -17.20 -10.77
N THR D 27 -6.25 -17.53 -11.98
CA THR D 27 -6.46 -18.86 -12.53
C THR D 27 -5.17 -19.64 -12.41
N VAL D 28 -5.23 -20.77 -11.71
CA VAL D 28 -4.02 -21.51 -11.37
C VAL D 28 -4.15 -22.97 -11.83
N ASP D 29 -2.98 -23.56 -12.13
CA ASP D 29 -2.87 -24.96 -12.48
C ASP D 29 -2.20 -25.66 -11.32
N THR D 30 -2.96 -26.47 -10.59
CA THR D 30 -2.45 -27.07 -9.36
C THR D 30 -1.75 -28.40 -9.71
N GLY D 31 -1.91 -28.86 -10.95
CA GLY D 31 -1.53 -30.22 -11.30
C GLY D 31 -2.58 -31.22 -10.80
N GLU D 32 -2.63 -32.42 -11.39
CA GLU D 32 -3.71 -33.37 -11.06
C GLU D 32 -3.73 -33.80 -9.60
N GLU D 33 -2.57 -34.09 -9.01
CA GLU D 33 -2.58 -34.64 -7.66
C GLU D 33 -3.21 -33.65 -6.67
N LEU D 34 -2.73 -32.39 -6.70
CA LEU D 34 -3.28 -31.40 -5.76
C LEU D 34 -4.68 -30.95 -6.17
N ARG D 35 -5.02 -31.02 -7.47
CA ARG D 35 -6.36 -30.64 -7.86
C ARG D 35 -7.38 -31.61 -7.23
N ALA D 36 -7.04 -32.91 -7.26
CA ALA D 36 -7.94 -33.91 -6.72
C ALA D 36 -8.06 -33.75 -5.22
N PHE D 37 -6.92 -33.41 -4.59
CA PHE D 37 -6.87 -33.08 -3.15
C PHE D 37 -7.86 -31.96 -2.82
N VAL D 38 -7.86 -30.92 -3.62
CA VAL D 38 -8.79 -29.80 -3.39
C VAL D 38 -10.23 -30.26 -3.58
N GLU D 39 -10.48 -30.96 -4.69
CA GLU D 39 -11.85 -31.41 -4.98
C GLU D 39 -12.39 -32.22 -3.82
N GLY D 40 -11.59 -33.16 -3.30
CA GLY D 40 -12.09 -34.01 -2.22
C GLY D 40 -12.54 -33.20 -1.00
N LEU D 41 -11.73 -32.19 -0.65
CA LEU D 41 -12.04 -31.34 0.49
C LEU D 41 -13.32 -30.52 0.28
N VAL D 42 -13.56 -30.06 -0.93
CA VAL D 42 -14.80 -29.32 -1.19
C VAL D 42 -16.00 -30.29 -1.18
N GLU D 43 -15.85 -31.43 -1.85
CA GLU D 43 -16.98 -32.35 -1.97
C GLU D 43 -17.38 -32.97 -0.63
N SER D 44 -16.43 -33.08 0.30
CA SER D 44 -16.74 -33.61 1.62
C SER D 44 -17.58 -32.62 2.43
N GLY D 45 -17.62 -31.37 1.98
CA GLY D 45 -18.27 -30.29 2.73
C GLY D 45 -17.36 -29.65 3.79
N ASP D 46 -16.09 -30.10 3.88
CA ASP D 46 -15.15 -29.58 4.86
C ASP D 46 -14.83 -28.11 4.55
N TYR D 47 -14.79 -27.78 3.26
CA TYR D 47 -14.57 -26.42 2.78
C TYR D 47 -15.66 -26.09 1.78
N LYS D 48 -16.04 -24.81 1.68
CA LYS D 48 -17.16 -24.41 0.84
C LYS D 48 -16.81 -24.39 -0.64
N THR D 49 -15.58 -23.95 -0.95
CA THR D 49 -15.19 -23.72 -2.33
C THR D 49 -13.72 -24.08 -2.50
N ASN D 50 -13.31 -24.22 -3.76
CA ASN D 50 -11.90 -24.33 -4.09
C ASN D 50 -11.13 -23.17 -3.47
N SER D 51 -11.69 -21.95 -3.52
CA SER D 51 -11.01 -20.77 -2.98
C SER D 51 -10.68 -20.93 -1.51
N GLU D 52 -11.62 -21.46 -0.71
CA GLU D 52 -11.37 -21.62 0.71
C GLU D 52 -10.19 -22.56 0.96
N VAL D 53 -10.10 -23.62 0.17
CA VAL D 53 -9.00 -24.57 0.31
C VAL D 53 -7.67 -23.88 -0.01
N ILE D 54 -7.64 -23.18 -1.15
CA ILE D 54 -6.41 -22.50 -1.56
C ILE D 54 -6.00 -21.49 -0.50
N ARG D 55 -6.97 -20.75 0.07
CA ARG D 55 -6.61 -19.74 1.06
C ARG D 55 -6.00 -20.38 2.30
N ASP D 56 -6.50 -21.55 2.72
CA ASP D 56 -5.94 -22.24 3.87
C ASP D 56 -4.47 -22.58 3.59
N GLY D 57 -4.21 -23.09 2.40
CA GLY D 57 -2.85 -23.42 2.00
C GLY D 57 -1.95 -22.18 2.03
N LEU D 58 -2.45 -21.05 1.49
CA LEU D 58 -1.61 -19.87 1.43
C LEU D 58 -1.35 -19.32 2.82
N ARG D 59 -2.35 -19.42 3.72
CA ARG D 59 -2.12 -19.04 5.11
C ARG D 59 -0.98 -19.83 5.73
N LEU D 60 -0.90 -21.13 5.43
CA LEU D 60 0.16 -21.96 6.00
C LEU D 60 1.51 -21.51 5.43
N LEU D 61 1.53 -21.21 4.13
CA LEU D 61 2.76 -20.78 3.48
C LEU D 61 3.20 -19.42 4.05
N GLN D 62 2.25 -18.52 4.30
CA GLN D 62 2.56 -17.20 4.84
C GLN D 62 3.08 -17.38 6.26
N GLU D 63 2.45 -18.27 7.01
CA GLU D 63 2.83 -18.55 8.39
C GLU D 63 4.25 -19.09 8.47
N LYS D 64 4.60 -19.96 7.53
CA LYS D 64 5.91 -20.60 7.51
C LYS D 64 7.00 -19.54 7.51
N THR D 65 6.79 -18.43 6.81
CA THR D 65 7.88 -17.47 6.64
C THR D 65 7.67 -16.19 7.44
N ALA D 66 6.55 -16.09 8.16
CA ALA D 66 6.14 -14.84 8.81
C ALA D 66 7.17 -14.36 9.84
N GLY D 67 7.87 -15.31 10.46
CA GLY D 67 8.80 -15.00 11.54
C GLY D 67 10.19 -14.64 11.04
N SER D 68 10.42 -14.72 9.72
CA SER D 68 11.77 -14.53 9.22
C SER D 68 11.78 -13.54 8.06
N LYS D 69 10.93 -12.53 8.14
CA LYS D 69 10.82 -11.55 7.06
C LYS D 69 12.10 -10.73 6.92
N LEU D 70 12.78 -10.42 8.05
CA LEU D 70 14.00 -9.62 7.98
C LEU D 70 15.09 -10.42 7.27
N ALA D 71 15.24 -11.71 7.65
CA ALA D 71 16.28 -12.50 6.98
C ALA D 71 15.95 -12.63 5.48
N ALA D 72 14.66 -12.78 5.18
CA ALA D 72 14.25 -12.98 3.79
C ALA D 72 14.56 -11.73 2.98
N LEU D 73 14.31 -10.53 3.56
CA LEU D 73 14.55 -9.29 2.83
C LEU D 73 16.05 -9.12 2.66
N ARG D 74 16.82 -9.39 3.73
CA ARG D 74 18.26 -9.29 3.62
C ARG D 74 18.76 -10.19 2.50
N GLN D 75 18.16 -11.38 2.34
CA GLN D 75 18.63 -12.28 1.30
C GLN D 75 18.31 -11.69 -0.07
N LEU D 76 17.12 -11.09 -0.22
CA LEU D 76 16.77 -10.52 -1.52
C LEU D 76 17.67 -9.31 -1.84
N ILE D 77 17.96 -8.48 -0.84
CA ILE D 77 18.86 -7.35 -1.04
C ILE D 77 20.26 -7.84 -1.41
N ASP D 78 20.80 -8.80 -0.68
CA ASP D 78 22.10 -9.38 -0.99
C ASP D 78 22.17 -9.95 -2.41
N GLU D 79 21.09 -10.63 -2.82
CA GLU D 79 21.03 -11.19 -4.17
C GLU D 79 21.05 -10.08 -5.20
N GLY D 80 20.37 -8.95 -4.92
CA GLY D 80 20.52 -7.76 -5.75
C GLY D 80 21.97 -7.27 -5.77
N GLU D 81 22.59 -7.11 -4.59
CA GLU D 81 23.93 -6.55 -4.52
C GLU D 81 24.91 -7.42 -5.30
N GLN D 82 24.68 -8.74 -5.28
CA GLN D 82 25.61 -9.70 -5.83
C GLN D 82 25.31 -10.00 -7.29
N SER D 83 24.33 -9.30 -7.89
CA SER D 83 23.82 -9.66 -9.21
C SER D 83 24.67 -9.05 -10.34
N GLY D 84 25.69 -8.27 -9.99
CA GLY D 84 26.54 -7.70 -11.03
C GLY D 84 26.68 -6.19 -10.90
N GLU D 85 27.52 -5.59 -11.74
CA GLU D 85 27.67 -4.15 -11.72
C GLU D 85 26.38 -3.47 -12.14
N ALA D 86 26.03 -2.38 -11.43
CA ALA D 86 24.86 -1.62 -11.84
C ALA D 86 25.10 -0.95 -13.18
N VAL D 87 24.04 -0.81 -13.96
CA VAL D 87 24.15 -0.17 -15.25
C VAL D 87 23.16 0.98 -15.34
N PRO D 88 23.42 2.02 -16.17
CA PRO D 88 22.48 3.16 -16.26
C PRO D 88 21.08 2.68 -16.67
N TRP D 89 20.09 3.32 -16.06
CA TRP D 89 18.70 2.96 -16.31
C TRP D 89 18.31 3.57 -17.64
N ASP D 90 17.78 2.74 -18.53
CA ASP D 90 17.43 3.17 -19.86
C ASP D 90 15.98 2.72 -20.09
N ARG D 91 15.04 3.61 -19.76
CA ARG D 91 13.63 3.28 -19.81
C ARG D 91 13.21 2.92 -21.24
N ASP D 92 13.74 3.66 -22.23
CA ASP D 92 13.36 3.39 -23.62
C ASP D 92 13.78 1.98 -24.04
N SER D 93 15.00 1.56 -23.66
CA SER D 93 15.46 0.23 -23.98
C SER D 93 14.60 -0.82 -23.29
N PHE D 94 14.28 -0.58 -22.02
CA PHE D 94 13.45 -1.52 -21.27
C PHE D 94 12.12 -1.74 -21.99
N LEU D 95 11.41 -0.65 -22.33
CA LEU D 95 10.11 -0.77 -22.93
C LEU D 95 10.21 -1.39 -24.33
N ALA D 96 11.28 -1.10 -25.04
CA ALA D 96 11.51 -1.76 -26.35
C ALA D 96 11.62 -3.27 -26.14
N ARG D 97 12.37 -3.68 -25.11
CA ARG D 97 12.57 -5.12 -24.83
C ARG D 97 11.22 -5.75 -24.49
N MET D 98 10.41 -5.04 -23.71
CA MET D 98 9.08 -5.57 -23.32
C MET D 98 8.22 -5.73 -24.58
N ARG D 99 8.31 -4.78 -25.52
CA ARG D 99 7.50 -4.85 -26.73
C ARG D 99 7.94 -6.03 -27.59
N GLN D 100 9.24 -6.29 -27.61
CA GLN D 100 9.84 -7.29 -28.47
C GLN D 100 9.46 -8.70 -28.00
N LYS D 101 9.24 -8.84 -26.69
CA LYS D 101 8.77 -10.14 -26.16
C LYS D 101 7.30 -10.30 -26.54
N GLY D 102 6.98 -11.28 -27.38
CA GLY D 102 5.57 -11.54 -27.73
C GLY D 102 4.85 -10.31 -28.28
N PRO D 103 5.44 -9.49 -29.19
CA PRO D 103 4.81 -8.26 -29.65
C PRO D 103 3.28 -8.36 -29.65
#